data_7VDY
#
_entry.id   7VDY
#
_cell.length_a   53.121
_cell.length_b   96.051
_cell.length_c   57.286
_cell.angle_alpha   90.000
_cell.angle_beta   92.130
_cell.angle_gamma   90.000
#
_symmetry.space_group_name_H-M   'P 1 21 1'
#
loop_
_entity.id
_entity.type
_entity.pdbx_description
1 polymer 'O-ureido-serine racemase'
2 non-polymer 'SULFATE ION'
3 water water
#
_entity_poly.entity_id   1
_entity_poly.type   'polypeptide(L)'
_entity_poly.pdbx_seq_one_letter_code
;MIRMRTPSTLPFTKMHGAGNDFVVLDLRDGPDPSPELCRALADRHKGVGCDLVLGIREPRSARAVAAFDIWTADGSRSAQ
CGNGARCVAAWAVRAGLARGPRFALDSPSGTHEVDVLDADTFRVALAVPRFAPESIPLFGHDGEQDLYEADLGDGTRVRF
AAVSMGNPHAVIEVDDTATAPVARVGRAVQASGLFLPTVNVGFARVESRDRVHLRVHEYGAGETLACGSGACAAAAVLMR
RGRVDRNVSVVLPGGELRISWPDDAADVLMTGPAAFVYEGTFLHASVLEHHHHHH
;
_entity_poly.pdbx_strand_id   A,B
#
loop_
_chem_comp.id
_chem_comp.type
_chem_comp.name
_chem_comp.formula
SO4 non-polymer 'SULFATE ION' 'O4 S -2'
#
# COMPACT_ATOMS: atom_id res chain seq x y z
N MET A 4 -22.81 18.79 9.21
CA MET A 4 -22.17 17.72 9.94
C MET A 4 -20.70 17.54 9.53
N ARG A 5 -20.19 18.47 8.73
CA ARG A 5 -18.80 18.44 8.28
C ARG A 5 -17.97 19.36 9.18
N THR A 6 -17.04 18.76 9.91
CA THR A 6 -16.19 19.51 10.81
C THR A 6 -15.21 20.37 10.01
N PRO A 7 -15.10 21.66 10.29
CA PRO A 7 -14.13 22.50 9.59
C PRO A 7 -12.75 21.92 9.86
N SER A 8 -11.85 22.08 8.89
CA SER A 8 -10.48 21.54 8.90
C SER A 8 -10.41 20.07 8.48
N THR A 9 -11.53 19.37 8.30
CA THR A 9 -11.51 17.97 7.95
C THR A 9 -12.18 17.75 6.60
N LEU A 10 -11.77 16.67 5.92
CA LEU A 10 -12.35 16.27 4.63
C LEU A 10 -12.93 14.87 4.78
N PRO A 11 -14.25 14.73 4.79
CA PRO A 11 -14.87 13.39 4.74
C PRO A 11 -14.50 12.69 3.44
N PHE A 12 -14.46 11.36 3.51
CA PHE A 12 -14.27 10.56 2.32
C PHE A 12 -14.79 9.15 2.55
N THR A 13 -14.94 8.41 1.45
CA THR A 13 -15.31 7.01 1.52
C THR A 13 -14.22 6.22 0.81
N LYS A 14 -13.73 5.16 1.47
CA LYS A 14 -12.78 4.24 0.85
C LYS A 14 -13.56 3.10 0.23
N MET A 15 -13.34 2.87 -1.06
CA MET A 15 -14.02 1.80 -1.77
C MET A 15 -13.01 1.07 -2.63
N HIS A 16 -13.42 -0.08 -3.17
CA HIS A 16 -12.67 -0.73 -4.22
C HIS A 16 -13.61 -1.51 -5.13
N GLY A 17 -13.22 -1.62 -6.40
CA GLY A 17 -13.85 -2.50 -7.35
C GLY A 17 -12.90 -3.61 -7.77
N ALA A 18 -13.08 -4.80 -7.22
CA ALA A 18 -12.20 -5.94 -7.50
C ALA A 18 -10.74 -5.60 -7.16
N GLY A 19 -10.52 -4.87 -6.07
CA GLY A 19 -9.18 -4.58 -5.58
C GLY A 19 -8.52 -3.34 -6.18
N ASN A 20 -9.11 -2.78 -7.23
CA ASN A 20 -8.78 -1.45 -7.75
C ASN A 20 -9.46 -0.43 -6.81
N ASP A 21 -8.67 0.31 -6.02
CA ASP A 21 -9.24 0.97 -4.85
C ASP A 21 -9.24 2.50 -5.00
N PHE A 22 -10.21 3.13 -4.33
CA PHE A 22 -10.54 4.53 -4.55
C PHE A 22 -10.80 5.28 -3.24
N VAL A 23 -10.40 6.54 -3.23
CA VAL A 23 -10.84 7.51 -2.24
C VAL A 23 -11.94 8.33 -2.91
N VAL A 24 -13.17 8.28 -2.38
CA VAL A 24 -14.31 8.95 -3.01
C VAL A 24 -14.68 10.17 -2.18
N LEU A 25 -14.64 11.33 -2.81
CA LEU A 25 -14.98 12.60 -2.19
C LEU A 25 -16.31 13.07 -2.74
N ASP A 26 -17.10 13.73 -1.90
CA ASP A 26 -18.33 14.37 -2.34
C ASP A 26 -17.96 15.82 -2.61
N LEU A 27 -17.80 16.19 -3.87
CA LEU A 27 -17.30 17.53 -4.15
C LEU A 27 -18.42 18.55 -4.37
N ARG A 28 -19.68 18.16 -4.22
CA ARG A 28 -20.79 19.08 -4.55
C ARG A 28 -20.70 20.38 -3.74
N ASP A 29 -20.83 21.49 -4.45
CA ASP A 29 -20.84 22.85 -3.88
C ASP A 29 -19.53 23.21 -3.21
N GLY A 30 -18.41 22.65 -3.69
CA GLY A 30 -17.12 23.05 -3.18
C GLY A 30 -16.04 22.96 -4.24
N PRO A 31 -14.80 23.30 -3.86
CA PRO A 31 -13.68 23.24 -4.81
C PRO A 31 -13.34 21.80 -5.15
N ASP A 32 -12.54 21.64 -6.19
CA ASP A 32 -11.81 20.41 -6.49
C ASP A 32 -10.65 20.26 -5.52
N PRO A 33 -10.21 19.02 -5.25
CA PRO A 33 -8.96 18.81 -4.51
C PRO A 33 -7.79 19.28 -5.36
N SER A 34 -6.85 19.98 -4.74
CA SER A 34 -5.61 20.31 -5.43
C SER A 34 -4.80 19.04 -5.73
N PRO A 35 -3.83 19.13 -6.67
CA PRO A 35 -2.90 18.00 -6.85
C PRO A 35 -2.16 17.61 -5.57
N GLU A 36 -1.78 18.61 -4.75
CA GLU A 36 -1.14 18.33 -3.47
C GLU A 36 -2.01 17.43 -2.62
N LEU A 37 -3.29 17.81 -2.47
CA LEU A 37 -4.21 17.01 -1.69
C LEU A 37 -4.39 15.62 -2.29
N CYS A 38 -4.60 15.53 -3.61
CA CYS A 38 -4.70 14.21 -4.22
C CYS A 38 -3.47 13.36 -3.91
N ARG A 39 -2.28 13.93 -4.07
CA ARG A 39 -1.08 13.17 -3.78
C ARG A 39 -1.10 12.67 -2.34
N ALA A 40 -1.49 13.54 -1.39
CA ALA A 40 -1.57 13.12 0.01
C ALA A 40 -2.60 12.01 0.19
N LEU A 41 -3.77 12.17 -0.43
CA LEU A 41 -4.81 11.17 -0.25
C LEU A 41 -4.33 9.80 -0.73
N ALA A 42 -3.61 9.77 -1.85
CA ALA A 42 -3.24 8.49 -2.48
C ALA A 42 -2.03 7.81 -1.84
N ASP A 43 -1.24 8.55 -1.06
CA ASP A 43 -0.08 8.01 -0.34
C ASP A 43 -0.53 6.93 0.63
N ARG A 44 -0.10 5.69 0.39
CA ARG A 44 -0.62 4.58 1.18
C ARG A 44 -0.06 4.57 2.60
N HIS A 45 1.13 5.15 2.82
CA HIS A 45 1.77 5.13 4.14
C HIS A 45 1.54 6.42 4.93
N LYS A 46 1.67 7.57 4.27
CA LYS A 46 1.47 8.83 4.96
C LYS A 46 0.12 9.49 4.65
N GLY A 47 -0.70 8.93 3.76
CA GLY A 47 -2.04 9.44 3.51
C GLY A 47 -3.06 8.33 3.69
N VAL A 48 -4.05 8.33 2.81
CA VAL A 48 -5.14 7.36 2.87
C VAL A 48 -4.79 6.11 2.07
N GLY A 49 -4.39 6.29 0.82
CA GLY A 49 -3.94 5.19 -0.02
C GLY A 49 -4.97 4.73 -1.03
N CYS A 50 -4.69 4.87 -2.33
CA CYS A 50 -5.67 4.46 -3.32
C CYS A 50 -5.03 4.51 -4.69
N ASP A 51 -5.63 3.78 -5.65
CA ASP A 51 -5.24 3.88 -7.04
C ASP A 51 -5.71 5.19 -7.65
N LEU A 52 -6.97 5.59 -7.38
CA LEU A 52 -7.52 6.82 -7.93
C LEU A 52 -8.34 7.54 -6.88
N VAL A 53 -8.32 8.87 -6.97
CA VAL A 53 -9.24 9.72 -6.23
C VAL A 53 -10.41 10.01 -7.16
N LEU A 54 -11.64 9.77 -6.70
CA LEU A 54 -12.84 10.07 -7.47
C LEU A 54 -13.62 11.17 -6.76
N GLY A 55 -14.01 12.19 -7.52
CA GLY A 55 -14.76 13.30 -6.96
C GLY A 55 -16.13 13.35 -7.59
N ILE A 56 -17.19 13.33 -6.79
CA ILE A 56 -18.56 13.23 -7.27
C ILE A 56 -19.22 14.60 -7.21
N ARG A 57 -19.94 14.95 -8.29
CA ARG A 57 -20.62 16.23 -8.42
C ARG A 57 -22.00 16.00 -9.03
N GLU A 58 -22.74 17.11 -9.17
CA GLU A 58 -24.03 17.11 -9.84
C GLU A 58 -23.88 16.66 -11.29
N PRO A 59 -24.91 16.05 -11.87
CA PRO A 59 -24.83 15.61 -13.27
C PRO A 59 -24.54 16.79 -14.19
N ARG A 60 -23.87 16.51 -15.30
CA ARG A 60 -23.69 17.51 -16.34
C ARG A 60 -24.67 17.31 -17.48
N SER A 61 -24.85 16.07 -17.94
CA SER A 61 -25.77 15.71 -19.00
C SER A 61 -27.22 15.86 -18.53
N ALA A 62 -28.14 15.85 -19.51
CA ALA A 62 -29.56 15.95 -19.19
C ALA A 62 -30.04 14.72 -18.43
N ARG A 63 -29.52 13.54 -18.75
CA ARG A 63 -30.05 12.31 -18.20
C ARG A 63 -29.31 11.79 -16.97
N ALA A 64 -28.04 12.13 -16.77
CA ALA A 64 -27.29 11.49 -15.70
C ALA A 64 -27.80 11.93 -14.33
N VAL A 65 -27.54 11.10 -13.32
CA VAL A 65 -27.88 11.43 -11.94
C VAL A 65 -26.68 11.97 -11.16
N ALA A 66 -25.47 11.84 -11.69
CA ALA A 66 -24.29 12.36 -11.03
C ALA A 66 -23.17 12.37 -12.05
N ALA A 67 -22.17 13.21 -11.77
CA ALA A 67 -20.95 13.26 -12.55
C ALA A 67 -19.79 12.94 -11.63
N PHE A 68 -18.68 12.46 -12.22
CA PHE A 68 -17.47 12.21 -11.43
C PHE A 68 -16.24 12.56 -12.24
N ASP A 69 -15.23 13.06 -11.54
CA ASP A 69 -13.91 13.36 -12.08
C ASP A 69 -12.91 12.44 -11.41
N ILE A 70 -11.70 12.36 -11.98
CA ILE A 70 -10.73 11.33 -11.63
C ILE A 70 -9.34 11.97 -11.52
N TRP A 71 -8.61 11.61 -10.45
CA TRP A 71 -7.24 12.03 -10.25
C TRP A 71 -6.39 10.80 -9.93
N THR A 72 -5.20 10.73 -10.52
CA THR A 72 -4.25 9.65 -10.26
C THR A 72 -3.40 9.99 -9.05
N ALA A 73 -2.56 9.04 -8.64
CA ALA A 73 -1.81 9.17 -7.40
C ALA A 73 -0.79 10.29 -7.43
N ASP A 74 -0.50 10.86 -8.60
CA ASP A 74 0.39 12.02 -8.70
C ASP A 74 -0.35 13.34 -8.87
N GLY A 75 -1.69 13.34 -8.74
CA GLY A 75 -2.46 14.56 -8.73
C GLY A 75 -2.95 15.04 -10.08
N SER A 76 -2.64 14.36 -11.17
CA SER A 76 -3.13 14.79 -12.46
C SER A 76 -4.48 14.13 -12.79
N ARG A 77 -5.29 14.86 -13.55
CA ARG A 77 -6.58 14.38 -13.96
C ARG A 77 -6.43 13.22 -14.93
N SER A 78 -7.43 12.34 -14.94
CA SER A 78 -7.49 11.16 -15.79
C SER A 78 -8.82 11.15 -16.53
N ALA A 79 -8.81 10.61 -17.75
CA ALA A 79 -9.97 10.78 -18.63
C ALA A 79 -11.03 9.71 -18.45
N GLN A 80 -10.66 8.51 -18.01
CA GLN A 80 -11.65 7.46 -17.82
C GLN A 80 -11.17 6.47 -16.77
N CYS A 81 -12.12 5.70 -16.25
CA CYS A 81 -11.79 4.61 -15.34
C CYS A 81 -12.91 3.58 -15.36
N GLY A 82 -12.53 2.30 -15.38
CA GLY A 82 -13.51 1.23 -15.49
C GLY A 82 -14.11 0.85 -14.16
N ASN A 83 -13.27 0.31 -13.26
CA ASN A 83 -13.76 -0.10 -11.95
C ASN A 83 -14.33 1.07 -11.15
N GLY A 84 -13.71 2.25 -11.26
CA GLY A 84 -14.21 3.39 -10.49
C GLY A 84 -15.67 3.70 -10.75
N ALA A 85 -16.14 3.48 -11.98
CA ALA A 85 -17.50 3.87 -12.32
C ALA A 85 -18.50 3.07 -11.51
N ARG A 86 -18.20 1.81 -11.23
CA ARG A 86 -19.08 0.99 -10.42
C ARG A 86 -19.16 1.53 -9.00
N CYS A 87 -18.01 1.97 -8.47
CA CYS A 87 -18.00 2.48 -7.11
C CYS A 87 -18.76 3.79 -7.00
N VAL A 88 -18.60 4.67 -8.00
CA VAL A 88 -19.41 5.88 -8.04
C VAL A 88 -20.88 5.55 -8.06
N ALA A 89 -21.25 4.53 -8.84
CA ALA A 89 -22.65 4.14 -8.94
C ALA A 89 -23.17 3.64 -7.59
N ALA A 90 -22.42 2.75 -6.94
CA ALA A 90 -22.82 2.27 -5.62
C ALA A 90 -22.91 3.43 -4.64
N TRP A 91 -21.91 4.31 -4.66
CA TRP A 91 -21.91 5.48 -3.78
C TRP A 91 -23.12 6.35 -4.05
N ALA A 92 -23.44 6.56 -5.34
CA ALA A 92 -24.60 7.36 -5.70
C ALA A 92 -25.88 6.73 -5.18
N VAL A 93 -25.98 5.40 -5.24
CA VAL A 93 -27.18 4.75 -4.75
C VAL A 93 -27.30 4.98 -3.25
N ARG A 94 -26.20 4.74 -2.52
CA ARG A 94 -26.18 4.92 -1.08
CA ARG A 94 -26.18 4.93 -1.09
C ARG A 94 -26.54 6.34 -0.67
N ALA A 95 -26.15 7.34 -1.47
CA ALA A 95 -26.39 8.73 -1.12
C ALA A 95 -27.76 9.25 -1.54
N GLY A 96 -28.61 8.43 -2.14
CA GLY A 96 -29.90 8.89 -2.58
C GLY A 96 -29.90 9.60 -3.92
N LEU A 97 -28.73 9.71 -4.56
CA LEU A 97 -28.60 10.34 -5.87
C LEU A 97 -29.27 9.51 -6.94
N ALA A 98 -29.13 8.19 -6.85
CA ALA A 98 -29.52 7.26 -7.90
C ALA A 98 -30.54 6.31 -7.31
N ARG A 99 -31.78 6.42 -7.77
CA ARG A 99 -32.82 5.49 -7.41
C ARG A 99 -33.20 4.73 -8.68
N GLY A 100 -33.60 3.48 -8.53
CA GLY A 100 -34.01 2.70 -9.68
C GLY A 100 -32.94 1.71 -10.12
N PRO A 101 -33.36 0.73 -10.94
CA PRO A 101 -32.42 -0.29 -11.42
C PRO A 101 -31.44 0.23 -12.46
N ARG A 102 -31.69 1.38 -13.05
CA ARG A 102 -30.92 1.85 -14.20
C ARG A 102 -30.79 3.36 -14.13
N PHE A 103 -29.57 3.86 -14.34
CA PHE A 103 -29.32 5.29 -14.34
C PHE A 103 -28.01 5.55 -15.06
N ALA A 104 -27.75 6.83 -15.33
CA ALA A 104 -26.57 7.21 -16.08
C ALA A 104 -25.65 8.09 -15.24
N LEU A 105 -24.35 7.97 -15.50
CA LEU A 105 -23.29 8.70 -14.83
C LEU A 105 -22.44 9.42 -15.87
N ASP A 106 -22.10 10.67 -15.62
CA ASP A 106 -21.16 11.40 -16.47
C ASP A 106 -19.75 11.18 -15.95
N SER A 107 -18.88 10.63 -16.81
CA SER A 107 -17.44 10.51 -16.53
C SER A 107 -16.74 11.68 -17.21
N PRO A 108 -15.42 11.86 -17.03
CA PRO A 108 -14.74 12.94 -17.75
C PRO A 108 -14.93 12.91 -19.26
N SER A 109 -15.19 11.72 -19.83
CA SER A 109 -15.15 11.54 -21.27
C SER A 109 -16.46 11.06 -21.90
N GLY A 110 -17.52 10.86 -21.12
CA GLY A 110 -18.75 10.35 -21.71
C GLY A 110 -19.84 10.20 -20.67
N THR A 111 -20.96 9.66 -21.12
CA THR A 111 -22.08 9.31 -20.26
C THR A 111 -22.34 7.82 -20.38
N HIS A 112 -22.46 7.13 -19.25
CA HIS A 112 -22.48 5.68 -19.21
C HIS A 112 -23.69 5.18 -18.45
N GLU A 113 -24.41 4.24 -19.04
CA GLU A 113 -25.59 3.70 -18.42
C GLU A 113 -25.16 2.63 -17.42
N VAL A 114 -25.80 2.63 -16.26
CA VAL A 114 -25.52 1.66 -15.21
C VAL A 114 -26.79 0.87 -14.96
N ASP A 115 -26.68 -0.46 -14.89
CA ASP A 115 -27.73 -1.33 -14.37
C ASP A 115 -27.33 -1.83 -13.00
N VAL A 116 -28.24 -1.67 -12.03
CA VAL A 116 -28.04 -2.24 -10.71
C VAL A 116 -28.52 -3.69 -10.76
N LEU A 117 -27.60 -4.63 -10.59
CA LEU A 117 -27.98 -6.05 -10.63
C LEU A 117 -28.36 -6.56 -9.25
N ASP A 118 -27.64 -6.10 -8.21
CA ASP A 118 -28.03 -6.24 -6.82
C ASP A 118 -27.27 -5.16 -6.06
N ALA A 119 -27.38 -5.18 -4.73
CA ALA A 119 -26.80 -4.09 -3.93
C ALA A 119 -25.31 -3.93 -4.17
N ASP A 120 -24.62 -5.02 -4.52
CA ASP A 120 -23.17 -5.02 -4.67
C ASP A 120 -22.69 -5.06 -6.12
N THR A 121 -23.57 -5.29 -7.09
CA THR A 121 -23.18 -5.63 -8.45
C THR A 121 -23.77 -4.64 -9.45
N PHE A 122 -22.91 -4.08 -10.29
CA PHE A 122 -23.30 -3.02 -11.22
C PHE A 122 -22.76 -3.32 -12.61
N ARG A 123 -23.56 -3.07 -13.63
CA ARG A 123 -23.15 -3.29 -15.01
C ARG A 123 -23.02 -1.94 -15.70
N VAL A 124 -21.89 -1.70 -16.35
CA VAL A 124 -21.60 -0.39 -16.93
C VAL A 124 -21.23 -0.56 -18.39
N ALA A 125 -21.91 0.19 -19.26
CA ALA A 125 -21.48 0.30 -20.65
C ALA A 125 -20.19 1.11 -20.72
N LEU A 126 -19.15 0.55 -21.32
CA LEU A 126 -17.87 1.27 -21.34
C LEU A 126 -17.68 1.98 -22.68
N ALA A 127 -17.39 1.25 -23.75
CA ALA A 127 -17.19 1.85 -25.06
C ALA A 127 -17.35 0.76 -26.11
N VAL A 128 -17.42 1.18 -27.38
CA VAL A 128 -17.46 0.28 -28.52
C VAL A 128 -16.01 -0.02 -28.92
N PRO A 129 -15.60 -1.28 -29.01
CA PRO A 129 -14.20 -1.57 -29.39
C PRO A 129 -13.92 -1.12 -30.81
N ARG A 130 -12.72 -0.57 -31.01
CA ARG A 130 -12.24 -0.19 -32.34
C ARG A 130 -11.01 -1.04 -32.67
N PHE A 131 -11.09 -1.81 -33.77
CA PHE A 131 -10.04 -2.73 -34.17
C PHE A 131 -9.17 -2.25 -35.32
N ALA A 132 -9.57 -1.18 -36.02
CA ALA A 132 -8.84 -0.78 -37.21
C ALA A 132 -7.46 -0.27 -36.83
N PRO A 133 -6.38 -0.79 -37.43
CA PRO A 133 -5.05 -0.25 -37.12
C PRO A 133 -5.02 1.26 -37.14
N GLU A 134 -5.83 1.87 -38.02
CA GLU A 134 -5.85 3.33 -38.13
C GLU A 134 -6.46 4.01 -36.91
N SER A 135 -7.36 3.34 -36.17
CA SER A 135 -7.96 4.05 -35.04
C SER A 135 -7.32 3.74 -33.70
N ILE A 136 -6.42 2.76 -33.61
CA ILE A 136 -5.82 2.41 -32.31
C ILE A 136 -4.86 3.48 -31.82
N PRO A 137 -3.91 4.00 -32.62
CA PRO A 137 -3.38 3.57 -33.92
C PRO A 137 -2.39 2.48 -33.64
N LEU A 138 -2.26 1.56 -34.58
CA LEU A 138 -1.27 0.51 -34.54
C LEU A 138 -0.29 0.84 -35.65
N PHE A 139 0.91 1.30 -35.28
CA PHE A 139 1.86 1.80 -36.27
C PHE A 139 2.59 0.66 -36.97
N GLY A 140 2.87 0.86 -38.27
CA GLY A 140 3.54 -0.17 -39.03
C GLY A 140 2.62 -1.27 -39.50
N HIS A 141 1.31 -1.08 -39.38
CA HIS A 141 0.33 -2.08 -39.74
C HIS A 141 -0.82 -1.36 -40.42
N ASP A 142 -1.32 -1.93 -41.51
CA ASP A 142 -2.39 -1.28 -42.23
C ASP A 142 -3.64 -2.16 -42.26
N GLY A 143 -3.52 -3.41 -42.70
CA GLY A 143 -4.66 -4.30 -42.68
C GLY A 143 -4.97 -4.77 -41.28
N GLU A 144 -6.24 -4.70 -40.90
CA GLU A 144 -6.70 -5.29 -39.65
C GLU A 144 -6.41 -6.78 -39.64
N GLN A 145 -5.93 -7.29 -38.50
CA GLN A 145 -5.58 -8.69 -38.37
C GLN A 145 -6.04 -9.17 -36.99
N ASP A 146 -6.34 -10.47 -36.87
CA ASP A 146 -6.63 -11.03 -35.56
C ASP A 146 -5.42 -10.90 -34.65
N LEU A 147 -4.24 -11.27 -35.17
CA LEU A 147 -2.99 -11.22 -34.44
C LEU A 147 -1.90 -10.56 -35.28
N TYR A 148 -1.10 -9.74 -34.62
CA TYR A 148 0.06 -9.09 -35.20
C TYR A 148 1.29 -9.65 -34.50
N GLU A 149 2.47 -9.47 -35.11
CA GLU A 149 3.69 -10.05 -34.58
C GLU A 149 4.77 -8.97 -34.44
N ALA A 150 5.40 -8.93 -33.27
CA ALA A 150 6.36 -7.91 -32.91
C ALA A 150 7.70 -8.58 -32.65
N ASP A 151 8.75 -8.06 -33.27
CA ASP A 151 10.11 -8.44 -32.94
C ASP A 151 10.67 -7.40 -31.95
N LEU A 152 10.74 -7.75 -30.67
CA LEU A 152 11.20 -6.82 -29.64
C LEU A 152 12.65 -7.09 -29.27
N GLY A 153 13.47 -7.39 -30.27
CA GLY A 153 14.84 -7.80 -30.04
C GLY A 153 14.95 -9.31 -29.94
N ASP A 154 16.17 -9.80 -30.14
CA ASP A 154 16.39 -11.24 -30.02
C ASP A 154 15.86 -11.72 -28.67
N GLY A 155 15.14 -12.83 -28.68
CA GLY A 155 14.66 -13.44 -27.47
C GLY A 155 13.31 -12.96 -26.98
N THR A 156 12.74 -11.91 -27.60
CA THR A 156 11.40 -11.42 -27.25
C THR A 156 10.62 -11.24 -28.54
N ARG A 157 9.96 -12.31 -28.97
CA ARG A 157 9.01 -12.29 -30.07
C ARG A 157 7.61 -12.41 -29.50
N VAL A 158 6.72 -11.49 -29.87
CA VAL A 158 5.41 -11.40 -29.22
C VAL A 158 4.33 -11.38 -30.29
N ARG A 159 3.33 -12.27 -30.12
CA ARG A 159 2.15 -12.28 -30.96
C ARG A 159 1.02 -11.68 -30.14
N PHE A 160 0.36 -10.66 -30.67
CA PHE A 160 -0.62 -9.92 -29.89
C PHE A 160 -1.77 -9.48 -30.79
N ALA A 161 -2.90 -9.24 -30.16
CA ALA A 161 -4.03 -8.55 -30.79
C ALA A 161 -4.05 -7.10 -30.33
N ALA A 162 -4.81 -6.27 -31.04
CA ALA A 162 -4.83 -4.86 -30.71
C ALA A 162 -6.24 -4.31 -30.84
N VAL A 163 -6.58 -3.38 -29.95
CA VAL A 163 -7.92 -2.83 -29.90
C VAL A 163 -7.90 -1.58 -29.06
N SER A 164 -8.76 -0.61 -29.41
CA SER A 164 -8.93 0.61 -28.66
C SER A 164 -10.28 0.57 -27.95
N MET A 165 -10.27 0.84 -26.64
CA MET A 165 -11.45 1.02 -25.81
C MET A 165 -11.55 2.46 -25.33
N GLY A 166 -11.14 3.42 -26.16
CA GLY A 166 -10.90 4.76 -25.68
C GLY A 166 -9.43 4.92 -25.40
N ASN A 167 -8.86 3.95 -24.66
CA ASN A 167 -7.43 3.78 -24.49
C ASN A 167 -6.94 2.61 -25.35
N PRO A 168 -5.64 2.56 -25.70
CA PRO A 168 -5.15 1.48 -26.55
C PRO A 168 -4.87 0.24 -25.73
N HIS A 169 -5.01 -0.93 -26.36
CA HIS A 169 -4.75 -2.18 -25.68
C HIS A 169 -4.07 -3.16 -26.61
N ALA A 170 -3.03 -3.82 -26.07
CA ALA A 170 -2.42 -5.00 -26.68
C ALA A 170 -2.78 -6.19 -25.80
N VAL A 171 -3.20 -7.29 -26.43
CA VAL A 171 -3.64 -8.46 -25.68
C VAL A 171 -2.81 -9.65 -26.14
N ILE A 172 -2.09 -10.27 -25.21
CA ILE A 172 -1.18 -11.37 -25.49
C ILE A 172 -1.72 -12.62 -24.81
N GLU A 173 -1.98 -13.65 -25.59
CA GLU A 173 -2.40 -14.91 -24.99
C GLU A 173 -1.19 -15.61 -24.38
N VAL A 174 -1.40 -16.23 -23.22
CA VAL A 174 -0.33 -16.91 -22.50
C VAL A 174 -0.83 -18.28 -22.05
N ASP A 175 0.14 -19.14 -21.74
CA ASP A 175 -0.05 -20.42 -21.08
C ASP A 175 -0.56 -20.25 -19.67
N ASP A 176 -0.08 -19.22 -18.97
CA ASP A 176 -0.45 -19.06 -17.56
C ASP A 176 -0.19 -17.61 -17.19
N THR A 177 -1.20 -16.91 -16.68
CA THR A 177 -1.01 -15.48 -16.39
C THR A 177 -0.19 -15.28 -15.13
N ALA A 178 -0.42 -16.06 -14.06
CA ALA A 178 0.32 -15.87 -12.80
C ALA A 178 1.80 -15.85 -13.07
N THR A 179 2.12 -16.06 -14.30
CA THR A 179 3.31 -16.66 -14.81
C THR A 179 4.04 -15.71 -15.73
N ALA A 180 3.33 -14.77 -16.36
CA ALA A 180 3.82 -14.03 -17.48
C ALA A 180 4.80 -12.95 -17.06
N PRO A 181 5.76 -12.63 -17.94
CA PRO A 181 6.61 -11.44 -17.75
C PRO A 181 5.86 -10.14 -17.93
N VAL A 182 4.87 -9.90 -17.06
CA VAL A 182 3.91 -8.80 -17.25
C VAL A 182 4.63 -7.46 -17.29
N ALA A 183 5.43 -7.18 -16.26
CA ALA A 183 6.12 -5.91 -16.18
C ALA A 183 7.12 -5.75 -17.31
N ARG A 184 7.91 -6.80 -17.58
CA ARG A 184 9.01 -6.69 -18.56
C ARG A 184 8.49 -6.63 -20.00
N VAL A 185 7.64 -7.60 -20.39
CA VAL A 185 7.10 -7.56 -21.74
C VAL A 185 6.14 -6.39 -21.90
N GLY A 186 5.40 -6.05 -20.84
CA GLY A 186 4.51 -4.90 -20.94
C GLY A 186 5.27 -3.62 -21.20
N ARG A 187 6.40 -3.42 -20.49
CA ARG A 187 7.25 -2.27 -20.75
C ARG A 187 7.82 -2.30 -22.16
N ALA A 188 8.28 -3.48 -22.60
CA ALA A 188 8.80 -3.60 -23.97
C ALA A 188 7.75 -3.22 -25.01
N VAL A 189 6.52 -3.71 -24.86
CA VAL A 189 5.47 -3.35 -25.81
C VAL A 189 5.20 -1.85 -25.76
N GLN A 190 5.15 -1.28 -24.55
CA GLN A 190 4.95 0.15 -24.42
C GLN A 190 6.05 0.96 -25.10
N ALA A 191 7.30 0.50 -25.02
CA ALA A 191 8.41 1.21 -25.67
C ALA A 191 8.63 0.82 -27.13
N SER A 192 7.90 -0.18 -27.63
CA SER A 192 8.09 -0.66 -29.00
C SER A 192 7.82 0.39 -30.07
N GLY A 193 6.97 1.37 -29.79
CA GLY A 193 6.50 2.24 -30.85
C GLY A 193 5.44 1.64 -31.74
N LEU A 194 4.99 0.41 -31.47
CA LEU A 194 3.91 -0.17 -32.25
C LEU A 194 2.57 0.48 -31.91
N PHE A 195 2.46 1.00 -30.70
CA PHE A 195 1.29 1.68 -30.16
C PHE A 195 1.70 3.08 -29.72
N LEU A 196 0.69 3.87 -29.33
CA LEU A 196 0.92 5.02 -28.48
C LEU A 196 1.61 4.57 -27.19
N PRO A 197 2.43 5.42 -26.58
CA PRO A 197 3.09 5.00 -25.35
C PRO A 197 2.12 4.69 -24.21
N THR A 198 0.85 5.03 -24.40
CA THR A 198 -0.19 4.81 -23.41
C THR A 198 -0.79 3.42 -23.45
N VAL A 199 -0.25 2.50 -24.24
CA VAL A 199 -0.92 1.23 -24.44
C VAL A 199 -0.90 0.42 -23.15
N ASN A 200 -2.02 -0.22 -22.85
CA ASN A 200 -2.09 -1.16 -21.74
C ASN A 200 -1.90 -2.59 -22.27
N VAL A 201 -1.02 -3.35 -21.63
CA VAL A 201 -0.63 -4.64 -22.13
C VAL A 201 -1.22 -5.72 -21.23
N GLY A 202 -2.15 -6.49 -21.79
CA GLY A 202 -2.79 -7.57 -21.08
C GLY A 202 -2.19 -8.92 -21.48
N PHE A 203 -2.18 -9.83 -20.51
CA PHE A 203 -1.65 -11.18 -20.68
C PHE A 203 -2.79 -12.11 -20.30
N ALA A 204 -3.34 -12.81 -21.29
CA ALA A 204 -4.61 -13.50 -21.12
C ALA A 204 -4.43 -15.01 -21.27
N ARG A 205 -5.09 -15.76 -20.41
CA ARG A 205 -5.14 -17.22 -20.47
CA ARG A 205 -5.14 -17.22 -20.51
C ARG A 205 -6.59 -17.66 -20.60
N VAL A 206 -6.92 -18.36 -21.68
CA VAL A 206 -8.28 -18.84 -21.88
C VAL A 206 -8.43 -20.16 -21.14
N GLU A 207 -9.20 -20.16 -20.05
CA GLU A 207 -9.54 -21.42 -19.41
C GLU A 207 -10.65 -22.14 -20.16
N SER A 208 -11.65 -21.41 -20.65
CA SER A 208 -12.74 -21.98 -21.42
C SER A 208 -13.36 -20.88 -22.27
N ARG A 209 -14.41 -21.23 -23.01
CA ARG A 209 -15.17 -20.24 -23.75
C ARG A 209 -15.91 -19.30 -22.82
N ASP A 210 -16.00 -19.65 -21.55
CA ASP A 210 -16.73 -18.89 -20.55
C ASP A 210 -15.84 -18.14 -19.57
N ARG A 211 -14.53 -18.34 -19.62
CA ARG A 211 -13.71 -17.93 -18.50
C ARG A 211 -12.27 -17.64 -18.95
N VAL A 212 -11.80 -16.44 -18.64
CA VAL A 212 -10.50 -15.96 -19.07
C VAL A 212 -9.77 -15.38 -17.88
N HIS A 213 -8.48 -15.69 -17.74
CA HIS A 213 -7.64 -15.16 -16.67
C HIS A 213 -6.74 -14.09 -17.25
N LEU A 214 -6.54 -13.01 -16.50
CA LEU A 214 -5.92 -11.83 -17.08
C LEU A 214 -5.10 -11.06 -16.05
N ARG A 215 -3.96 -10.58 -16.50
CA ARG A 215 -3.19 -9.56 -15.80
C ARG A 215 -2.90 -8.49 -16.83
N VAL A 216 -2.80 -7.24 -16.38
CA VAL A 216 -2.66 -6.11 -17.28
C VAL A 216 -1.52 -5.24 -16.75
N HIS A 217 -0.56 -4.93 -17.62
CA HIS A 217 0.45 -3.92 -17.32
C HIS A 217 -0.09 -2.59 -17.82
N GLU A 218 -0.49 -1.71 -16.88
CA GLU A 218 -1.19 -0.49 -17.27
C GLU A 218 -0.23 0.67 -17.47
N TYR A 219 -0.59 1.55 -18.39
CA TYR A 219 0.20 2.76 -18.59
C TYR A 219 0.19 3.61 -17.32
N GLY A 220 1.37 4.09 -16.91
CA GLY A 220 1.49 4.93 -15.74
C GLY A 220 1.55 4.17 -14.44
N ALA A 221 0.44 3.52 -14.07
CA ALA A 221 0.40 2.82 -12.80
C ALA A 221 1.21 1.52 -12.84
N GLY A 222 1.42 0.94 -14.00
CA GLY A 222 1.86 -0.44 -14.05
C GLY A 222 0.71 -1.36 -13.64
N GLU A 223 1.05 -2.53 -13.12
CA GLU A 223 0.01 -3.49 -12.78
C GLU A 223 -0.73 -3.10 -11.50
N THR A 224 -2.06 -3.28 -11.52
CA THR A 224 -2.90 -3.17 -10.33
C THR A 224 -3.65 -4.49 -10.11
N LEU A 225 -4.51 -4.53 -9.10
CA LEU A 225 -5.28 -5.74 -8.87
C LEU A 225 -6.39 -5.96 -9.92
N ALA A 226 -6.81 -4.94 -10.67
CA ALA A 226 -7.88 -5.11 -11.65
C ALA A 226 -7.89 -3.90 -12.58
N CYS A 227 -7.93 -4.18 -13.89
CA CYS A 227 -8.00 -3.17 -14.94
C CYS A 227 -9.24 -3.46 -15.79
N GLY A 228 -10.32 -2.71 -15.55
CA GLY A 228 -11.58 -2.99 -16.23
C GLY A 228 -11.48 -2.79 -17.73
N SER A 229 -10.90 -1.66 -18.15
CA SER A 229 -10.71 -1.42 -19.58
C SER A 229 -9.95 -2.59 -20.23
N GLY A 230 -8.87 -3.05 -19.58
CA GLY A 230 -8.12 -4.17 -20.12
C GLY A 230 -8.93 -5.46 -20.17
N ALA A 231 -9.72 -5.72 -19.14
CA ALA A 231 -10.59 -6.88 -19.17
C ALA A 231 -11.53 -6.84 -20.37
N CYS A 232 -12.16 -5.68 -20.60
CA CYS A 232 -13.06 -5.53 -21.75
C CYS A 232 -12.30 -5.71 -23.05
N ALA A 233 -11.07 -5.20 -23.09
CA ALA A 233 -10.27 -5.34 -24.31
C ALA A 233 -9.92 -6.80 -24.57
N ALA A 234 -9.51 -7.52 -23.52
CA ALA A 234 -9.19 -8.94 -23.69
C ALA A 234 -10.40 -9.73 -24.16
N ALA A 235 -11.56 -9.47 -23.55
CA ALA A 235 -12.79 -10.16 -23.94
C ALA A 235 -13.14 -9.89 -25.40
N ALA A 236 -13.14 -8.62 -25.82
CA ALA A 236 -13.52 -8.28 -27.18
C ALA A 236 -12.61 -8.95 -28.19
N VAL A 237 -11.31 -8.88 -27.95
CA VAL A 237 -10.31 -9.49 -28.80
C VAL A 237 -10.55 -11.00 -28.96
N LEU A 238 -10.75 -11.69 -27.84
CA LEU A 238 -10.99 -13.12 -27.88
C LEU A 238 -12.34 -13.45 -28.51
N MET A 239 -13.33 -12.56 -28.36
CA MET A 239 -14.61 -12.75 -29.07
C MET A 239 -14.43 -12.52 -30.58
N ARG A 240 -13.66 -11.50 -30.96
CA ARG A 240 -13.45 -11.17 -32.37
C ARG A 240 -12.77 -12.29 -33.12
N ARG A 241 -12.00 -13.12 -32.43
CA ARG A 241 -11.31 -14.25 -33.02
C ARG A 241 -12.00 -15.58 -32.75
N GLY A 242 -13.18 -15.55 -32.13
CA GLY A 242 -13.96 -16.76 -31.97
C GLY A 242 -13.53 -17.68 -30.85
N ARG A 243 -12.73 -17.18 -29.90
CA ARG A 243 -12.17 -18.06 -28.88
C ARG A 243 -13.09 -18.22 -27.67
N VAL A 244 -13.92 -17.21 -27.35
CA VAL A 244 -14.83 -17.26 -26.22
C VAL A 244 -16.20 -16.78 -26.64
N ASP A 245 -17.21 -17.08 -25.82
CA ASP A 245 -18.58 -16.65 -26.01
C ASP A 245 -18.71 -15.12 -25.85
N ARG A 246 -19.90 -14.60 -26.18
CA ARG A 246 -20.10 -13.16 -26.12
C ARG A 246 -20.44 -12.69 -24.71
N ASN A 247 -20.57 -13.61 -23.75
CA ASN A 247 -20.57 -13.32 -22.33
C ASN A 247 -19.45 -14.16 -21.72
N VAL A 248 -18.55 -13.52 -20.99
CA VAL A 248 -17.37 -14.24 -20.51
C VAL A 248 -16.90 -13.60 -19.20
N SER A 249 -16.48 -14.45 -18.27
CA SER A 249 -15.89 -13.99 -17.03
C SER A 249 -14.41 -13.74 -17.23
N VAL A 250 -13.93 -12.61 -16.70
CA VAL A 250 -12.51 -12.30 -16.73
C VAL A 250 -12.01 -12.26 -15.30
N VAL A 251 -11.05 -13.14 -14.98
CA VAL A 251 -10.54 -13.32 -13.63
C VAL A 251 -9.26 -12.52 -13.52
N LEU A 252 -9.26 -11.53 -12.64
CA LEU A 252 -8.14 -10.65 -12.39
C LEU A 252 -7.54 -10.98 -11.04
N PRO A 253 -6.32 -10.48 -10.71
CA PRO A 253 -5.76 -10.72 -9.37
C PRO A 253 -6.69 -10.38 -8.22
N GLY A 254 -7.41 -9.26 -8.32
CA GLY A 254 -8.24 -8.77 -7.23
C GLY A 254 -9.69 -9.17 -7.28
N GLY A 255 -10.14 -9.78 -8.36
CA GLY A 255 -11.54 -10.11 -8.43
C GLY A 255 -11.91 -10.58 -9.83
N GLU A 256 -13.20 -10.80 -9.98
CA GLU A 256 -13.75 -11.40 -11.18
C GLU A 256 -14.80 -10.46 -11.76
N LEU A 257 -14.73 -10.23 -13.07
CA LEU A 257 -15.67 -9.40 -13.78
C LEU A 257 -16.43 -10.26 -14.79
N ARG A 258 -17.56 -9.75 -15.27
CA ARG A 258 -18.35 -10.43 -16.29
C ARG A 258 -18.53 -9.47 -17.45
N ILE A 259 -18.03 -9.85 -18.63
CA ILE A 259 -18.00 -8.98 -19.79
C ILE A 259 -18.99 -9.49 -20.84
N SER A 260 -19.84 -8.59 -21.32
CA SER A 260 -20.85 -8.92 -22.30
C SER A 260 -20.71 -7.96 -23.47
N TRP A 261 -20.69 -8.50 -24.68
CA TRP A 261 -20.56 -7.69 -25.90
C TRP A 261 -21.51 -8.28 -26.91
N PRO A 262 -22.77 -7.84 -26.92
CA PRO A 262 -23.82 -8.55 -27.65
C PRO A 262 -23.70 -8.42 -29.14
N ASP A 263 -23.01 -7.41 -29.62
CA ASP A 263 -23.02 -7.08 -31.03
C ASP A 263 -21.80 -6.25 -31.29
N ASP A 264 -21.22 -6.44 -32.49
CA ASP A 264 -19.96 -5.78 -32.77
C ASP A 264 -20.11 -4.27 -32.82
N ALA A 265 -21.30 -3.78 -33.13
CA ALA A 265 -21.52 -2.35 -33.14
C ALA A 265 -21.92 -1.80 -31.78
N ALA A 266 -22.07 -2.65 -30.76
CA ALA A 266 -22.58 -2.20 -29.47
C ALA A 266 -21.44 -1.98 -28.47
N ASP A 267 -21.78 -1.28 -27.38
CA ASP A 267 -20.83 -1.07 -26.29
C ASP A 267 -20.51 -2.38 -25.60
N VAL A 268 -19.27 -2.53 -25.15
CA VAL A 268 -18.96 -3.60 -24.22
C VAL A 268 -19.53 -3.26 -22.84
N LEU A 269 -20.13 -4.26 -22.19
CA LEU A 269 -20.74 -4.10 -20.88
C LEU A 269 -19.87 -4.80 -19.86
N MET A 270 -19.64 -4.15 -18.74
CA MET A 270 -18.74 -4.67 -17.72
C MET A 270 -19.49 -4.76 -16.41
N THR A 271 -19.72 -5.98 -15.95
CA THR A 271 -20.39 -6.24 -14.68
C THR A 271 -19.37 -6.63 -13.63
N GLY A 272 -19.53 -6.11 -12.42
CA GLY A 272 -18.63 -6.48 -11.36
C GLY A 272 -19.00 -5.88 -10.02
N PRO A 273 -18.19 -6.20 -9.00
CA PRO A 273 -18.51 -5.80 -7.64
C PRO A 273 -18.07 -4.38 -7.35
N ALA A 274 -18.79 -3.74 -6.44
CA ALA A 274 -18.33 -2.49 -5.83
C ALA A 274 -18.39 -2.70 -4.33
N ALA A 275 -17.40 -2.22 -3.61
CA ALA A 275 -17.30 -2.50 -2.18
C ALA A 275 -17.02 -1.22 -1.40
N PHE A 276 -17.76 -1.04 -0.30
CA PHE A 276 -17.53 0.00 0.70
C PHE A 276 -16.59 -0.57 1.77
N VAL A 277 -15.45 0.06 1.99
CA VAL A 277 -14.47 -0.49 2.93
C VAL A 277 -14.56 0.26 4.26
N TYR A 278 -14.32 1.56 4.23
CA TYR A 278 -14.52 2.31 5.46
C TYR A 278 -14.85 3.75 5.10
N GLU A 279 -15.45 4.45 6.04
CA GLU A 279 -15.61 5.88 5.92
CA GLU A 279 -15.66 5.89 5.97
C GLU A 279 -14.53 6.58 6.73
N GLY A 280 -14.16 7.76 6.27
CA GLY A 280 -13.01 8.44 6.85
C GLY A 280 -13.17 9.95 6.91
N THR A 281 -12.37 10.55 7.78
CA THR A 281 -12.27 12.01 7.94
C THR A 281 -10.78 12.35 7.97
N PHE A 282 -10.30 12.93 6.86
CA PHE A 282 -8.90 13.30 6.70
C PHE A 282 -8.64 14.60 7.46
N LEU A 283 -7.64 14.58 8.34
CA LEU A 283 -7.40 15.66 9.30
C LEU A 283 -6.60 16.79 8.67
N HIS A 284 -6.88 18.00 9.14
CA HIS A 284 -6.18 19.24 8.76
C HIS A 284 -6.00 19.32 7.24
N ALA A 285 -7.13 19.25 6.56
CA ALA A 285 -7.14 19.13 5.10
C ALA A 285 -6.50 20.34 4.40
N SER A 286 -6.36 21.48 5.08
CA SER A 286 -5.72 22.63 4.46
C SER A 286 -4.21 22.65 4.64
N VAL A 287 -3.65 21.76 5.45
CA VAL A 287 -2.24 21.78 5.81
C VAL A 287 -1.56 20.61 5.12
N LEU A 288 -0.84 20.88 4.03
CA LEU A 288 -0.20 19.79 3.29
C LEU A 288 1.32 19.98 3.18
N PRO B 7 -17.76 -4.99 16.34
CA PRO B 7 -19.12 -5.23 16.85
C PRO B 7 -20.14 -5.19 15.70
N SER B 8 -19.89 -4.24 14.80
CA SER B 8 -20.71 -3.97 13.62
C SER B 8 -19.86 -3.10 12.69
N THR B 9 -19.66 -1.85 13.08
CA THR B 9 -18.60 -0.99 12.59
C THR B 9 -17.53 -0.85 13.66
N LEU B 10 -16.36 -0.35 13.26
CA LEU B 10 -15.21 -0.30 14.16
C LEU B 10 -14.45 1.01 14.03
N PRO B 11 -14.54 1.89 15.02
CA PRO B 11 -13.75 3.14 14.98
C PRO B 11 -12.26 2.84 15.03
N PHE B 12 -11.48 3.59 14.25
CA PHE B 12 -10.03 3.46 14.31
C PHE B 12 -9.39 4.80 13.96
N THR B 13 -8.10 4.90 14.28
CA THR B 13 -7.28 6.05 13.93
C THR B 13 -6.11 5.58 13.07
N LYS B 14 -5.88 6.27 11.95
CA LYS B 14 -4.73 5.96 11.10
C LYS B 14 -3.61 6.92 11.45
N MET B 15 -2.45 6.38 11.80
CA MET B 15 -1.29 7.17 12.18
C MET B 15 -0.08 6.62 11.44
N HIS B 16 1.01 7.40 11.44
CA HIS B 16 2.29 6.86 11.01
C HIS B 16 3.40 7.53 11.79
N GLY B 17 4.51 6.81 11.95
CA GLY B 17 5.74 7.32 12.51
C GLY B 17 6.86 7.20 11.51
N ALA B 18 7.18 8.32 10.85
CA ALA B 18 8.18 8.35 9.78
C ALA B 18 7.83 7.37 8.65
N GLY B 19 6.54 7.23 8.32
CA GLY B 19 6.11 6.38 7.23
C GLY B 19 5.81 4.94 7.61
N ASN B 20 6.22 4.52 8.80
CA ASN B 20 5.84 3.25 9.38
C ASN B 20 4.42 3.45 9.90
N ASP B 21 3.43 2.82 9.28
CA ASP B 21 2.05 3.24 9.50
C ASP B 21 1.19 2.21 10.25
N PHE B 22 0.18 2.71 10.95
CA PHE B 22 -0.56 1.96 11.95
C PHE B 22 -2.06 2.22 11.84
N VAL B 23 -2.84 1.19 12.14
CA VAL B 23 -4.23 1.34 12.54
C VAL B 23 -4.28 1.22 14.05
N VAL B 24 -4.80 2.23 14.72
CA VAL B 24 -4.85 2.27 16.17
C VAL B 24 -6.28 2.04 16.61
N LEU B 25 -6.49 0.99 17.41
CA LEU B 25 -7.77 0.68 18.02
C LEU B 25 -7.74 1.00 19.52
N ASP B 26 -8.89 1.41 20.06
CA ASP B 26 -9.08 1.59 21.50
C ASP B 26 -9.65 0.31 22.07
N LEU B 27 -8.79 -0.51 22.70
CA LEU B 27 -9.21 -1.80 23.21
C LEU B 27 -9.51 -1.78 24.70
N ARG B 28 -9.76 -0.61 25.29
CA ARG B 28 -9.82 -0.55 26.74
C ARG B 28 -11.03 -1.28 27.31
N ASP B 29 -12.14 -1.38 26.57
CA ASP B 29 -13.18 -2.33 27.01
C ASP B 29 -13.81 -2.99 25.79
N GLY B 30 -13.01 -3.85 25.17
CA GLY B 30 -13.43 -4.75 24.12
C GLY B 30 -12.37 -5.81 23.86
N PRO B 31 -12.76 -6.88 23.17
CA PRO B 31 -11.83 -7.97 22.86
C PRO B 31 -10.71 -7.50 21.95
N ASP B 32 -9.68 -8.34 21.84
CA ASP B 32 -8.61 -8.09 20.88
C ASP B 32 -9.13 -8.30 19.46
N PRO B 33 -8.54 -7.61 18.47
CA PRO B 33 -8.84 -7.93 17.07
C PRO B 33 -8.44 -9.37 16.79
N SER B 34 -9.29 -10.07 16.03
CA SER B 34 -8.96 -11.43 15.63
C SER B 34 -7.86 -11.40 14.59
N PRO B 35 -7.15 -12.51 14.41
CA PRO B 35 -6.22 -12.62 13.27
C PRO B 35 -6.88 -12.21 11.96
N GLU B 36 -8.13 -12.63 11.77
CA GLU B 36 -8.86 -12.37 10.54
C GLU B 36 -9.12 -10.88 10.38
N LEU B 37 -9.55 -10.22 11.46
CA LEU B 37 -9.75 -8.78 11.44
C LEU B 37 -8.45 -8.02 11.20
N CYS B 38 -7.36 -8.45 11.84
CA CYS B 38 -6.06 -7.80 11.64
C CYS B 38 -5.66 -7.85 10.18
N ARG B 39 -5.86 -9.00 9.55
CA ARG B 39 -5.49 -9.17 8.15
C ARG B 39 -6.33 -8.27 7.26
N ALA B 40 -7.64 -8.22 7.51
CA ALA B 40 -8.48 -7.34 6.72
C ALA B 40 -8.10 -5.87 6.95
N LEU B 41 -7.82 -5.51 8.22
CA LEU B 41 -7.41 -4.15 8.53
C LEU B 41 -6.15 -3.76 7.80
N ALA B 42 -5.16 -4.69 7.72
CA ALA B 42 -3.85 -4.38 7.15
C ALA B 42 -3.82 -4.42 5.62
N ASP B 43 -4.81 -5.01 5.00
CA ASP B 43 -4.90 -5.08 3.54
C ASP B 43 -4.98 -3.67 2.95
N ARG B 44 -4.02 -3.29 2.12
CA ARG B 44 -3.96 -1.90 1.66
C ARG B 44 -5.01 -1.61 0.59
N HIS B 45 -5.42 -2.61 -0.19
CA HIS B 45 -6.35 -2.37 -1.28
C HIS B 45 -7.79 -2.70 -0.89
N LYS B 46 -8.03 -3.79 -0.16
CA LYS B 46 -9.39 -4.13 0.25
C LYS B 46 -9.68 -3.82 1.72
N GLY B 47 -8.71 -3.32 2.47
CA GLY B 47 -8.90 -2.92 3.84
C GLY B 47 -8.43 -1.49 4.07
N VAL B 48 -7.87 -1.28 5.27
CA VAL B 48 -7.38 0.05 5.63
C VAL B 48 -5.94 0.23 5.15
N GLY B 49 -5.08 -0.75 5.45
CA GLY B 49 -3.70 -0.70 5.05
C GLY B 49 -2.80 -0.15 6.13
N CYS B 50 -1.88 -0.96 6.64
CA CYS B 50 -0.97 -0.48 7.68
C CYS B 50 0.12 -1.52 7.87
N ASP B 51 1.23 -1.11 8.50
CA ASP B 51 2.28 -2.08 8.85
C ASP B 51 1.87 -2.90 10.06
N LEU B 52 1.26 -2.27 11.05
CA LEU B 52 0.88 -2.90 12.31
C LEU B 52 -0.48 -2.38 12.76
N VAL B 53 -1.18 -3.22 13.50
CA VAL B 53 -2.36 -2.82 14.25
C VAL B 53 -1.93 -2.63 15.69
N LEU B 54 -2.31 -1.50 16.29
CA LEU B 54 -1.97 -1.19 17.69
C LEU B 54 -3.25 -1.09 18.50
N GLY B 55 -3.26 -1.70 19.68
CA GLY B 55 -4.44 -1.64 20.53
C GLY B 55 -4.15 -0.99 21.86
N ILE B 56 -4.85 0.08 22.17
CA ILE B 56 -4.63 0.82 23.40
C ILE B 56 -5.33 0.09 24.53
N ARG B 57 -4.65 -0.07 25.68
CA ARG B 57 -5.24 -0.72 26.83
C ARG B 57 -4.89 0.09 28.09
N GLU B 58 -5.55 -0.27 29.20
CA GLU B 58 -5.20 0.31 30.48
C GLU B 58 -3.78 -0.08 30.85
N PRO B 59 -3.07 0.77 31.59
CA PRO B 59 -1.67 0.45 31.95
C PRO B 59 -1.58 -0.79 32.83
N ARG B 60 -0.40 -1.43 32.80
CA ARG B 60 -0.06 -2.56 33.66
C ARG B 60 0.86 -2.14 34.80
N SER B 61 1.95 -1.44 34.49
CA SER B 61 2.91 -0.98 35.48
C SER B 61 2.29 0.11 36.36
N ALA B 62 2.89 0.31 37.54
CA ALA B 62 2.47 1.38 38.43
C ALA B 62 2.66 2.74 37.78
N ARG B 63 3.69 2.86 36.94
CA ARG B 63 4.13 4.14 36.38
C ARG B 63 3.30 4.59 35.19
N ALA B 64 2.90 3.66 34.31
CA ALA B 64 2.42 4.01 32.99
C ALA B 64 1.01 4.58 33.03
N VAL B 65 0.70 5.41 32.03
CA VAL B 65 -0.67 5.91 31.85
C VAL B 65 -1.46 5.07 30.84
N ALA B 66 -0.80 4.20 30.09
CA ALA B 66 -1.49 3.37 29.11
C ALA B 66 -0.55 2.25 28.73
N ALA B 67 -1.13 1.13 28.32
CA ALA B 67 -0.41 0.06 27.64
C ALA B 67 -0.87 0.00 26.18
N PHE B 68 -0.09 -0.68 25.36
CA PHE B 68 -0.53 -1.00 24.01
C PHE B 68 0.00 -2.37 23.61
N ASP B 69 -0.81 -3.08 22.82
CA ASP B 69 -0.47 -4.34 22.18
C ASP B 69 -0.31 -4.13 20.68
N ILE B 70 0.34 -5.10 20.02
CA ILE B 70 0.81 -4.98 18.65
C ILE B 70 0.46 -6.25 17.89
N TRP B 71 -0.17 -6.10 16.74
CA TRP B 71 -0.41 -7.20 15.81
C TRP B 71 0.20 -6.88 14.44
N THR B 72 0.77 -7.91 13.81
CA THR B 72 1.32 -7.77 12.47
C THR B 72 0.21 -7.97 11.43
N ALA B 73 0.57 -7.74 10.17
CA ALA B 73 -0.43 -7.81 9.11
C ALA B 73 -0.98 -9.21 8.91
N ASP B 74 -0.39 -10.23 9.51
CA ASP B 74 -0.93 -11.57 9.43
C ASP B 74 -1.69 -11.99 10.68
N GLY B 75 -1.88 -11.07 11.63
CA GLY B 75 -2.71 -11.31 12.78
C GLY B 75 -1.98 -11.81 14.02
N SER B 76 -0.70 -12.10 13.94
CA SER B 76 0.02 -12.56 15.10
C SER B 76 0.56 -11.38 15.90
N ARG B 77 0.74 -11.59 17.20
CA ARG B 77 1.17 -10.52 18.07
C ARG B 77 2.67 -10.27 17.94
N SER B 78 3.10 -9.08 18.33
CA SER B 78 4.49 -8.63 18.21
C SER B 78 4.93 -8.05 19.52
N ALA B 79 6.20 -8.26 19.86
CA ALA B 79 6.64 -7.96 21.22
C ALA B 79 7.04 -6.51 21.38
N GLN B 80 7.39 -5.81 20.29
CA GLN B 80 7.92 -4.46 20.40
CA GLN B 80 7.70 -4.41 20.42
C GLN B 80 7.76 -3.72 19.06
N CYS B 81 7.73 -2.39 19.15
CA CYS B 81 7.72 -1.53 17.98
C CYS B 81 8.16 -0.13 18.40
N GLY B 82 9.20 0.39 17.76
CA GLY B 82 9.71 1.70 18.09
C GLY B 82 8.86 2.84 17.60
N ASN B 83 8.58 2.91 16.30
CA ASN B 83 7.75 4.00 15.79
C ASN B 83 6.35 3.97 16.39
N GLY B 84 5.79 2.77 16.55
CA GLY B 84 4.46 2.67 17.14
C GLY B 84 4.35 3.35 18.49
N ALA B 85 5.36 3.21 19.34
CA ALA B 85 5.29 3.79 20.68
C ALA B 85 5.09 5.29 20.62
N ARG B 86 5.77 5.96 19.70
CA ARG B 86 5.56 7.40 19.53
C ARG B 86 4.13 7.70 19.12
N CYS B 87 3.57 6.89 18.22
CA CYS B 87 2.18 7.10 17.82
C CYS B 87 1.23 6.83 18.99
N VAL B 88 1.55 5.84 19.83
CA VAL B 88 0.70 5.61 21.00
C VAL B 88 0.79 6.79 21.96
N ALA B 89 2.00 7.34 22.12
CA ALA B 89 2.18 8.51 22.97
C ALA B 89 1.29 9.67 22.50
N ALA B 90 1.35 9.99 21.19
CA ALA B 90 0.52 11.08 20.66
C ALA B 90 -0.96 10.78 20.89
N TRP B 91 -1.38 9.57 20.57
CA TRP B 91 -2.76 9.16 20.81
C TRP B 91 -3.14 9.36 22.27
N ALA B 92 -2.25 8.96 23.18
CA ALA B 92 -2.55 9.04 24.61
C ALA B 92 -2.68 10.49 25.07
N VAL B 93 -1.83 11.38 24.54
CA VAL B 93 -1.97 12.79 24.87
C VAL B 93 -3.31 13.33 24.36
N ARG B 94 -3.67 12.97 23.12
CA ARG B 94 -4.89 13.50 22.53
C ARG B 94 -6.12 13.01 23.28
N ALA B 95 -6.09 11.78 23.76
CA ALA B 95 -7.19 11.22 24.53
C ALA B 95 -7.21 11.66 25.99
N GLY B 96 -6.30 12.55 26.41
CA GLY B 96 -6.28 13.00 27.80
C GLY B 96 -5.72 12.01 28.80
N LEU B 97 -5.19 10.87 28.35
CA LEU B 97 -4.57 9.91 29.27
C LEU B 97 -3.29 10.46 29.87
N ALA B 98 -2.49 11.15 29.08
CA ALA B 98 -1.21 11.66 29.54
C ALA B 98 -1.30 13.18 29.53
N ARG B 99 -1.06 13.80 30.70
CA ARG B 99 -1.29 15.22 30.86
C ARG B 99 -0.05 16.02 30.47
N GLY B 100 1.03 15.96 31.26
CA GLY B 100 2.16 16.86 31.03
C GLY B 100 3.15 16.36 30.00
N PRO B 101 4.37 16.93 30.00
CA PRO B 101 5.34 16.58 28.94
C PRO B 101 6.08 15.26 29.13
N ARG B 102 5.84 14.51 30.20
CA ARG B 102 6.44 13.19 30.30
C ARG B 102 5.51 12.22 30.98
N PHE B 103 5.66 10.97 30.62
CA PHE B 103 4.83 9.92 31.17
C PHE B 103 5.44 8.60 30.71
N ALA B 104 4.82 7.51 31.13
CA ALA B 104 5.29 6.19 30.76
C ALA B 104 4.17 5.42 30.06
N LEU B 105 4.60 4.54 29.16
CA LEU B 105 3.74 3.65 28.38
C LEU B 105 4.23 2.22 28.55
N ASP B 106 3.32 1.26 28.72
CA ASP B 106 3.69 -0.16 28.67
C ASP B 106 3.53 -0.65 27.24
N SER B 107 4.60 -1.23 26.69
CA SER B 107 4.55 -2.00 25.46
C SER B 107 4.36 -3.47 25.84
N PRO B 108 4.20 -4.39 24.87
CA PRO B 108 4.10 -5.81 25.27
C PRO B 108 5.33 -6.33 26.01
N SER B 109 6.46 -5.63 25.93
CA SER B 109 7.70 -6.16 26.48
C SER B 109 8.44 -5.23 27.44
N GLY B 110 7.87 -4.08 27.78
CA GLY B 110 8.55 -3.19 28.71
C GLY B 110 7.72 -1.96 29.01
N THR B 111 8.35 -1.06 29.78
CA THR B 111 7.78 0.22 30.17
C THR B 111 8.73 1.33 29.73
N HIS B 112 8.19 2.37 29.08
CA HIS B 112 9.00 3.30 28.31
C HIS B 112 8.66 4.73 28.70
N GLU B 113 9.69 5.48 29.12
CA GLU B 113 9.55 6.90 29.43
C GLU B 113 9.37 7.69 28.14
N VAL B 114 8.40 8.59 28.14
CA VAL B 114 8.10 9.44 26.98
C VAL B 114 8.28 10.89 27.37
N ASP B 115 9.07 11.64 26.60
CA ASP B 115 9.09 13.09 26.69
C ASP B 115 8.40 13.66 25.47
N VAL B 116 7.47 14.57 25.70
CA VAL B 116 6.79 15.28 24.63
C VAL B 116 7.61 16.53 24.34
N LEU B 117 8.30 16.55 23.20
CA LEU B 117 9.12 17.70 22.87
C LEU B 117 8.28 18.80 22.21
N ASP B 118 7.32 18.42 21.37
CA ASP B 118 6.32 19.34 20.86
C ASP B 118 5.13 18.52 20.41
N ALA B 119 4.14 19.19 19.81
CA ALA B 119 2.90 18.52 19.45
C ALA B 119 3.13 17.23 18.66
N ASP B 120 4.12 17.23 17.74
CA ASP B 120 4.33 16.09 16.84
C ASP B 120 5.62 15.31 17.09
N THR B 121 6.38 15.62 18.13
CA THR B 121 7.70 15.05 18.34
C THR B 121 7.79 14.45 19.73
N PHE B 122 8.23 13.20 19.81
CA PHE B 122 8.25 12.43 21.05
C PHE B 122 9.59 11.72 21.19
N ARG B 123 10.15 11.77 22.38
CA ARG B 123 11.32 10.99 22.72
C ARG B 123 10.89 9.85 23.63
N VAL B 124 11.21 8.63 23.22
CA VAL B 124 10.80 7.44 23.94
C VAL B 124 12.05 6.61 24.27
N ALA B 125 12.08 6.09 25.50
CA ALA B 125 13.14 5.18 25.93
C ALA B 125 12.81 3.77 25.43
N LEU B 126 13.65 3.23 24.55
CA LEU B 126 13.36 1.93 23.93
C LEU B 126 13.75 0.79 24.87
N ALA B 127 15.05 0.63 25.10
CA ALA B 127 15.58 -0.48 25.89
C ALA B 127 17.07 -0.24 26.08
N VAL B 128 17.64 -1.00 27.00
CA VAL B 128 19.07 -0.96 27.27
C VAL B 128 19.72 -1.92 26.29
N PRO B 129 20.70 -1.50 25.48
CA PRO B 129 21.34 -2.43 24.54
C PRO B 129 22.05 -3.54 25.29
N ARG B 130 22.04 -4.75 24.72
CA ARG B 130 22.76 -5.91 25.24
C ARG B 130 23.60 -6.49 24.11
N PHE B 131 24.92 -6.51 24.28
CA PHE B 131 25.83 -6.99 23.24
C PHE B 131 26.36 -8.39 23.49
N ALA B 132 26.19 -8.92 24.70
CA ALA B 132 26.65 -10.24 25.07
C ALA B 132 26.07 -11.28 24.11
N PRO B 133 26.91 -12.04 23.41
CA PRO B 133 26.41 -13.05 22.48
C PRO B 133 25.30 -13.94 23.04
N GLU B 134 25.37 -14.23 24.35
CA GLU B 134 24.35 -15.04 24.99
C GLU B 134 23.05 -14.29 25.19
N SER B 135 23.06 -12.97 25.08
CA SER B 135 21.85 -12.18 25.23
C SER B 135 21.14 -11.95 23.91
N ILE B 136 21.83 -12.16 22.78
CA ILE B 136 21.24 -11.85 21.47
C ILE B 136 20.10 -12.80 21.14
N PRO B 137 20.25 -14.13 21.18
CA PRO B 137 21.46 -14.98 21.34
C PRO B 137 22.16 -15.08 20.00
N LEU B 138 23.49 -15.15 20.05
CA LEU B 138 24.30 -15.43 18.89
C LEU B 138 24.63 -16.91 18.93
N PHE B 139 24.44 -17.63 17.83
CA PHE B 139 24.80 -19.04 17.86
C PHE B 139 26.05 -19.28 17.04
N GLY B 140 26.82 -20.26 17.47
CA GLY B 140 28.11 -20.52 16.84
C GLY B 140 29.14 -19.63 17.47
N HIS B 141 28.84 -18.35 17.54
CA HIS B 141 29.62 -17.49 18.41
C HIS B 141 29.20 -17.76 19.86
N ASP B 142 28.27 -16.99 20.42
CA ASP B 142 27.75 -17.19 21.79
C ASP B 142 28.83 -17.21 22.86
N GLY B 143 29.98 -16.60 22.60
CA GLY B 143 31.00 -16.40 23.63
C GLY B 143 32.13 -15.48 23.21
N GLU B 144 31.79 -14.29 22.70
CA GLU B 144 32.61 -13.51 21.77
C GLU B 144 32.07 -12.10 21.58
N GLN B 145 32.71 -11.02 22.00
CA GLN B 145 32.04 -9.76 21.66
C GLN B 145 33.00 -8.82 20.92
N ASP B 146 32.68 -8.59 19.65
CA ASP B 146 33.51 -7.94 18.65
C ASP B 146 32.62 -7.75 17.43
N LEU B 147 33.16 -7.15 16.38
CA LEU B 147 32.57 -7.27 15.05
C LEU B 147 32.74 -8.71 14.59
N TYR B 148 31.72 -9.27 13.96
CA TYR B 148 31.78 -10.66 13.52
C TYR B 148 31.86 -10.71 12.00
N GLU B 149 32.37 -11.83 11.50
CA GLU B 149 32.39 -12.09 10.06
C GLU B 149 31.87 -13.49 9.79
N ALA B 150 31.06 -13.65 8.76
CA ALA B 150 30.52 -14.98 8.50
C ALA B 150 30.22 -15.14 7.01
N ASP B 151 30.49 -16.34 6.51
CA ASP B 151 30.09 -16.72 5.16
C ASP B 151 28.71 -17.36 5.26
N LEU B 152 27.69 -16.69 4.71
CA LEU B 152 26.35 -17.23 4.84
C LEU B 152 26.11 -18.35 3.82
N GLY B 153 24.98 -19.04 4.00
CA GLY B 153 24.66 -20.16 3.15
C GLY B 153 24.40 -19.82 1.69
N ASP B 154 24.26 -18.53 1.36
CA ASP B 154 23.95 -18.06 0.01
C ASP B 154 25.16 -17.45 -0.71
N GLY B 155 26.36 -17.67 -0.20
CA GLY B 155 27.56 -17.22 -0.86
C GLY B 155 28.07 -15.85 -0.46
N THR B 156 27.29 -15.09 0.30
CA THR B 156 27.68 -13.75 0.69
C THR B 156 28.52 -13.79 1.97
N ARG B 157 29.61 -13.03 1.98
CA ARG B 157 30.43 -12.88 3.18
C ARG B 157 30.09 -11.55 3.83
N VAL B 158 29.77 -11.59 5.10
CA VAL B 158 29.26 -10.40 5.78
C VAL B 158 30.06 -10.13 7.05
N ARG B 159 30.40 -8.85 7.26
CA ARG B 159 30.93 -8.37 8.53
CA ARG B 159 30.93 -8.36 8.53
C ARG B 159 29.83 -7.59 9.24
N PHE B 160 29.49 -8.02 10.47
CA PHE B 160 28.32 -7.48 11.15
C PHE B 160 28.54 -7.40 12.65
N ALA B 161 27.87 -6.42 13.29
CA ALA B 161 27.76 -6.36 14.74
C ALA B 161 26.42 -6.92 15.21
N ALA B 162 26.35 -7.33 16.46
CA ALA B 162 25.12 -7.92 17.01
C ALA B 162 24.74 -7.24 18.30
N VAL B 163 23.44 -6.99 18.48
CA VAL B 163 22.95 -6.36 19.69
C VAL B 163 21.49 -6.74 19.86
N SER B 164 21.03 -6.77 21.11
CA SER B 164 19.63 -7.00 21.42
C SER B 164 19.00 -5.72 21.95
N MET B 165 17.91 -5.27 21.32
CA MET B 165 17.11 -4.15 21.79
C MET B 165 15.78 -4.64 22.38
N GLY B 166 15.77 -5.86 22.92
CA GLY B 166 14.55 -6.60 23.09
C GLY B 166 14.43 -7.62 21.98
N ASN B 167 14.37 -7.14 20.71
CA ASN B 167 14.50 -8.02 19.54
C ASN B 167 15.96 -8.06 19.09
N PRO B 168 16.34 -9.05 18.28
CA PRO B 168 17.74 -9.15 17.86
C PRO B 168 18.01 -8.24 16.68
N HIS B 169 19.26 -7.79 16.56
CA HIS B 169 19.66 -6.97 15.44
C HIS B 169 21.06 -7.35 14.98
N ALA B 170 21.21 -7.43 13.66
CA ALA B 170 22.51 -7.48 13.01
C ALA B 170 22.67 -6.14 12.30
N VAL B 171 23.84 -5.51 12.46
CA VAL B 171 24.09 -4.20 11.90
C VAL B 171 25.30 -4.30 11.00
N ILE B 172 25.12 -3.99 9.73
CA ILE B 172 26.15 -4.15 8.71
C ILE B 172 26.49 -2.79 8.18
N GLU B 173 27.77 -2.47 8.14
CA GLU B 173 28.15 -1.19 7.56
C GLU B 173 28.29 -1.34 6.04
N VAL B 174 27.77 -0.36 5.31
CA VAL B 174 27.91 -0.36 3.85
C VAL B 174 28.35 1.02 3.39
N ASP B 175 28.81 1.06 2.14
CA ASP B 175 29.26 2.29 1.54
C ASP B 175 28.13 3.10 0.97
N ASP B 176 26.98 2.47 0.73
CA ASP B 176 25.84 3.13 0.10
C ASP B 176 24.58 2.35 0.45
N THR B 177 23.69 2.96 1.24
CA THR B 177 22.45 2.28 1.60
C THR B 177 21.54 2.08 0.39
N ALA B 178 21.58 3.01 -0.57
CA ALA B 178 20.68 2.93 -1.73
C ALA B 178 20.87 1.65 -2.51
N THR B 179 22.11 1.19 -2.68
CA THR B 179 22.40 0.00 -3.48
C THR B 179 22.70 -1.24 -2.66
N ALA B 180 22.39 -1.24 -1.37
CA ALA B 180 22.74 -2.40 -0.53
C ALA B 180 21.75 -3.54 -0.76
N PRO B 181 22.21 -4.77 -0.69
CA PRO B 181 21.31 -5.92 -0.89
C PRO B 181 20.42 -6.22 0.31
N VAL B 182 19.51 -5.30 0.66
CA VAL B 182 18.80 -5.37 1.93
C VAL B 182 17.94 -6.63 2.03
N ALA B 183 17.12 -6.89 1.00
CA ALA B 183 16.26 -8.06 1.04
C ALA B 183 17.06 -9.36 0.94
N ARG B 184 17.99 -9.44 -0.01
CA ARG B 184 18.75 -10.67 -0.17
C ARG B 184 19.59 -11.00 1.07
N VAL B 185 20.46 -10.07 1.50
CA VAL B 185 21.34 -10.38 2.63
C VAL B 185 20.56 -10.40 3.93
N GLY B 186 19.53 -9.55 4.04
CA GLY B 186 18.69 -9.58 5.22
C GLY B 186 18.06 -10.93 5.44
N ARG B 187 17.55 -11.53 4.36
CA ARG B 187 16.98 -12.88 4.48
C ARG B 187 18.08 -13.92 4.73
N ALA B 188 19.20 -13.82 4.01
CA ALA B 188 20.31 -14.73 4.27
C ALA B 188 20.66 -14.75 5.74
N VAL B 189 20.78 -13.57 6.36
CA VAL B 189 21.17 -13.51 7.76
C VAL B 189 20.10 -14.14 8.63
N GLN B 190 18.82 -13.89 8.32
CA GLN B 190 17.75 -14.45 9.14
C GLN B 190 17.74 -15.98 9.08
N ALA B 191 18.03 -16.56 7.91
CA ALA B 191 18.08 -18.00 7.74
C ALA B 191 19.40 -18.62 8.20
N SER B 192 20.37 -17.78 8.59
CA SER B 192 21.74 -18.24 8.80
C SER B 192 21.85 -19.25 9.94
N GLY B 193 21.02 -19.11 10.97
CA GLY B 193 21.24 -19.84 12.21
C GLY B 193 22.27 -19.21 13.11
N LEU B 194 22.87 -18.09 12.70
CA LEU B 194 23.69 -17.32 13.63
C LEU B 194 22.82 -16.60 14.65
N PHE B 195 21.54 -16.41 14.33
CA PHE B 195 20.56 -15.67 15.12
C PHE B 195 19.26 -16.46 15.16
N LEU B 196 18.35 -16.06 16.04
CA LEU B 196 16.95 -16.44 15.88
C LEU B 196 16.43 -15.85 14.57
N PRO B 197 15.44 -16.52 13.91
CA PRO B 197 14.96 -16.07 12.59
C PRO B 197 14.33 -14.69 12.61
N THR B 198 14.24 -14.16 13.83
CA THR B 198 13.57 -12.94 14.23
C THR B 198 14.51 -11.73 14.26
N VAL B 199 15.77 -11.93 13.87
CA VAL B 199 16.72 -10.83 13.83
C VAL B 199 16.33 -9.84 12.75
N ASN B 200 16.51 -8.55 13.04
CA ASN B 200 16.35 -7.48 12.07
C ASN B 200 17.72 -7.10 11.57
N VAL B 201 17.86 -6.91 10.25
CA VAL B 201 19.17 -6.77 9.66
C VAL B 201 19.28 -5.37 9.07
N GLY B 202 20.19 -4.58 9.63
CA GLY B 202 20.35 -3.19 9.26
C GLY B 202 21.54 -2.99 8.34
N PHE B 203 21.42 -2.00 7.45
CA PHE B 203 22.46 -1.68 6.47
C PHE B 203 22.73 -0.17 6.61
N ALA B 204 23.87 0.17 7.22
CA ALA B 204 24.11 1.51 7.71
C ALA B 204 25.34 2.12 7.05
N ARG B 205 25.21 3.37 6.60
CA ARG B 205 26.34 4.14 6.11
C ARG B 205 26.54 5.31 7.04
N VAL B 206 27.76 5.48 7.53
CA VAL B 206 28.09 6.57 8.46
C VAL B 206 28.48 7.78 7.63
N GLU B 207 27.64 8.83 7.63
CA GLU B 207 28.01 10.05 6.93
C GLU B 207 28.99 10.87 7.75
N SER B 208 28.74 10.99 9.06
CA SER B 208 29.58 11.73 9.98
C SER B 208 29.38 11.12 11.36
N ARG B 209 30.08 11.67 12.36
CA ARG B 209 29.84 11.30 13.74
C ARG B 209 28.44 11.69 14.20
N ASP B 210 27.77 12.59 13.49
CA ASP B 210 26.46 13.08 13.84
C ASP B 210 25.34 12.46 13.01
N ARG B 211 25.64 11.72 11.94
CA ARG B 211 24.63 11.37 10.95
C ARG B 211 24.90 10.01 10.34
N VAL B 212 23.86 9.17 10.30
CA VAL B 212 23.93 7.80 9.80
C VAL B 212 22.72 7.53 8.92
N HIS B 213 22.94 6.95 7.75
CA HIS B 213 21.86 6.52 6.88
C HIS B 213 21.65 5.02 7.04
N LEU B 214 20.38 4.60 7.05
CA LEU B 214 20.04 3.24 7.44
C LEU B 214 18.84 2.70 6.67
N ARG B 215 18.92 1.43 6.27
CA ARG B 215 17.80 0.65 5.77
C ARG B 215 17.78 -0.66 6.55
N VAL B 216 16.60 -1.17 6.87
CA VAL B 216 16.51 -2.33 7.76
C VAL B 216 15.61 -3.39 7.14
N HIS B 217 16.11 -4.62 7.07
CA HIS B 217 15.28 -5.76 6.68
C HIS B 217 14.70 -6.34 7.95
N GLU B 218 13.39 -6.19 8.13
CA GLU B 218 12.74 -6.59 9.37
C GLU B 218 12.25 -8.04 9.30
N TYR B 219 12.14 -8.64 10.47
CA TYR B 219 11.44 -9.92 10.64
C TYR B 219 10.02 -9.82 10.10
N GLY B 220 9.66 -10.74 9.20
CA GLY B 220 8.30 -10.82 8.71
C GLY B 220 7.94 -9.81 7.65
N ALA B 221 8.04 -8.53 7.98
CA ALA B 221 7.59 -7.50 7.05
C ALA B 221 8.58 -7.26 5.92
N GLY B 222 9.84 -7.60 6.12
CA GLY B 222 10.85 -7.09 5.22
C GLY B 222 11.10 -5.61 5.47
N GLU B 223 11.56 -4.92 4.45
CA GLU B 223 11.82 -3.49 4.61
C GLU B 223 10.51 -2.72 4.67
N THR B 224 10.50 -1.66 5.48
CA THR B 224 9.43 -0.67 5.55
C THR B 224 10.07 0.70 5.42
N LEU B 225 9.27 1.75 5.60
CA LEU B 225 9.82 3.10 5.49
C LEU B 225 10.59 3.49 6.74
N ALA B 226 10.42 2.77 7.85
CA ALA B 226 11.17 3.14 9.04
C ALA B 226 11.08 2.03 10.08
N CYS B 227 12.22 1.71 10.69
CA CYS B 227 12.28 0.75 11.79
C CYS B 227 13.00 1.43 12.95
N GLY B 228 12.23 1.85 13.96
CA GLY B 228 12.82 2.59 15.07
C GLY B 228 13.79 1.76 15.90
N SER B 229 13.42 0.52 16.22
CA SER B 229 14.33 -0.34 16.97
C SER B 229 15.61 -0.60 16.18
N GLY B 230 15.49 -0.75 14.85
CA GLY B 230 16.68 -0.89 14.04
C GLY B 230 17.57 0.33 14.10
N ALA B 231 16.97 1.52 14.08
CA ALA B 231 17.74 2.75 14.19
C ALA B 231 18.47 2.82 15.53
N CYS B 232 17.82 2.42 16.61
CA CYS B 232 18.45 2.39 17.92
C CYS B 232 19.62 1.41 17.95
N ALA B 233 19.42 0.22 17.36
CA ALA B 233 20.44 -0.81 17.31
C ALA B 233 21.65 -0.34 16.49
N ALA B 234 21.40 0.22 15.31
CA ALA B 234 22.52 0.72 14.50
C ALA B 234 23.29 1.81 15.25
N ALA B 235 22.57 2.72 15.90
CA ALA B 235 23.23 3.79 16.67
C ALA B 235 24.07 3.23 17.81
N ALA B 236 23.49 2.31 18.59
CA ALA B 236 24.20 1.76 19.75
C ALA B 236 25.45 1.00 19.31
N VAL B 237 25.33 0.21 18.26
CA VAL B 237 26.47 -0.52 17.70
C VAL B 237 27.58 0.45 17.30
N LEU B 238 27.23 1.47 16.52
CA LEU B 238 28.25 2.38 16.04
C LEU B 238 28.81 3.22 17.18
N MET B 239 28.05 3.42 18.25
CA MET B 239 28.58 4.12 19.43
C MET B 239 29.56 3.24 20.18
N ARG B 240 29.23 1.95 20.36
CA ARG B 240 30.15 1.03 21.01
C ARG B 240 31.42 0.82 20.18
N ARG B 241 31.30 0.84 18.85
CA ARG B 241 32.42 0.76 17.92
C ARG B 241 33.16 2.08 17.82
N GLY B 242 32.76 3.09 18.57
CA GLY B 242 33.42 4.38 18.54
C GLY B 242 33.34 5.12 17.23
N ARG B 243 32.36 4.83 16.39
CA ARG B 243 32.29 5.51 15.10
C ARG B 243 31.37 6.72 15.09
N VAL B 244 30.49 6.88 16.08
CA VAL B 244 29.62 8.05 16.13
C VAL B 244 29.48 8.52 17.57
N ASP B 245 28.98 9.74 17.70
CA ASP B 245 28.71 10.37 18.98
C ASP B 245 27.54 9.69 19.69
N ARG B 246 27.40 9.99 20.99
CA ARG B 246 26.33 9.42 21.79
C ARG B 246 24.98 10.07 21.49
N ASN B 247 24.96 11.12 20.65
CA ASN B 247 23.75 11.73 20.09
C ASN B 247 23.95 11.77 18.57
N VAL B 248 23.06 11.12 17.83
CA VAL B 248 23.28 10.86 16.42
C VAL B 248 21.93 10.85 15.70
N SER B 249 21.92 11.35 14.47
CA SER B 249 20.74 11.30 13.61
C SER B 249 20.80 10.06 12.72
N VAL B 250 19.68 9.37 12.59
CA VAL B 250 19.59 8.16 11.78
C VAL B 250 18.55 8.42 10.71
N VAL B 251 18.98 8.46 9.45
CA VAL B 251 18.11 8.81 8.33
C VAL B 251 17.57 7.51 7.73
N LEU B 252 16.25 7.36 7.75
CA LEU B 252 15.55 6.22 7.21
C LEU B 252 14.79 6.61 5.93
N PRO B 253 14.26 5.65 5.17
CA PRO B 253 13.50 6.03 3.95
C PRO B 253 12.34 6.98 4.20
N GLY B 254 11.60 6.80 5.29
CA GLY B 254 10.42 7.62 5.49
C GLY B 254 10.59 8.84 6.37
N GLY B 255 11.77 9.03 6.95
CA GLY B 255 11.99 10.16 7.80
C GLY B 255 13.28 9.99 8.59
N GLU B 256 13.49 10.91 9.52
CA GLU B 256 14.72 10.98 10.30
C GLU B 256 14.40 10.85 11.78
N LEU B 257 15.25 10.14 12.51
CA LEU B 257 15.14 9.98 13.95
C LEU B 257 16.41 10.47 14.64
N ARG B 258 16.27 10.93 15.88
CA ARG B 258 17.39 11.39 16.69
C ARG B 258 17.57 10.40 17.85
N ILE B 259 18.75 9.78 17.92
CA ILE B 259 19.04 8.71 18.87
C ILE B 259 20.08 9.19 19.88
N SER B 260 19.83 8.93 21.16
CA SER B 260 20.77 9.31 22.19
C SER B 260 20.93 8.13 23.13
N TRP B 261 22.17 7.86 23.53
CA TRP B 261 22.47 6.78 24.45
C TRP B 261 23.49 7.35 25.44
N PRO B 262 23.02 7.93 26.56
CA PRO B 262 23.93 8.73 27.41
C PRO B 262 25.04 7.91 28.06
N ASP B 263 24.80 6.65 28.40
CA ASP B 263 25.83 5.81 28.99
C ASP B 263 25.42 4.35 28.79
N ASP B 264 26.37 3.44 29.04
CA ASP B 264 26.18 2.06 28.61
C ASP B 264 25.09 1.35 29.38
N ALA B 265 24.76 1.81 30.58
CA ALA B 265 23.61 1.26 31.30
C ALA B 265 22.30 1.98 30.99
N ALA B 266 22.32 3.08 30.23
CA ALA B 266 21.10 3.83 29.98
C ALA B 266 20.25 3.16 28.92
N ASP B 267 18.95 3.47 28.92
CA ASP B 267 18.14 3.12 27.76
C ASP B 267 18.59 3.93 26.57
N VAL B 268 18.46 3.35 25.38
CA VAL B 268 18.59 4.14 24.17
C VAL B 268 17.31 4.94 24.00
N LEU B 269 17.44 6.25 23.76
CA LEU B 269 16.32 7.16 23.59
C LEU B 269 16.14 7.46 22.12
N MET B 270 14.89 7.42 21.66
CA MET B 270 14.59 7.54 20.24
C MET B 270 13.62 8.70 20.07
N THR B 271 14.07 9.75 19.40
CA THR B 271 13.26 10.93 19.16
C THR B 271 12.83 10.92 17.69
N GLY B 272 11.55 11.14 17.45
CA GLY B 272 11.08 11.24 16.09
C GLY B 272 9.63 11.65 16.02
N PRO B 273 9.07 11.68 14.80
CA PRO B 273 7.72 12.21 14.61
C PRO B 273 6.66 11.15 14.84
N ALA B 274 5.46 11.64 15.16
CA ALA B 274 4.23 10.86 15.18
C ALA B 274 3.15 11.72 14.55
N ALA B 275 2.34 11.14 13.66
CA ALA B 275 1.35 11.90 12.91
C ALA B 275 0.00 11.22 12.91
N PHE B 276 -1.07 11.99 13.09
CA PHE B 276 -2.43 11.53 12.85
C PHE B 276 -2.75 11.77 11.38
N VAL B 277 -3.33 10.79 10.71
CA VAL B 277 -3.60 11.00 9.28
C VAL B 277 -5.11 11.21 9.10
N TYR B 278 -5.89 10.24 9.54
CA TYR B 278 -7.33 10.34 9.41
C TYR B 278 -7.97 9.45 10.44
N GLU B 279 -9.22 9.73 10.74
CA GLU B 279 -10.09 8.94 11.58
C GLU B 279 -11.04 8.16 10.70
N GLY B 280 -11.33 6.93 11.11
CA GLY B 280 -12.06 6.06 10.21
C GLY B 280 -13.08 5.24 10.97
N THR B 281 -14.05 4.74 10.20
CA THR B 281 -15.01 3.76 10.69
C THR B 281 -15.05 2.60 9.70
N PHE B 282 -14.45 1.50 10.12
CA PHE B 282 -14.38 0.28 9.32
C PHE B 282 -15.76 -0.37 9.30
N LEU B 283 -16.24 -0.70 8.11
CA LEU B 283 -17.64 -1.09 7.96
C LEU B 283 -17.85 -2.60 8.02
N HIS B 284 -16.77 -3.38 8.16
CA HIS B 284 -16.79 -4.85 8.13
C HIS B 284 -17.42 -5.32 6.83
N ALA B 285 -18.73 -5.17 6.70
CA ALA B 285 -19.48 -5.54 5.50
C ALA B 285 -18.84 -4.98 4.24
S SO4 C . -9.69 0.64 -15.28
O1 SO4 C . -9.89 2.01 -14.81
O2 SO4 C . -8.32 0.21 -15.00
O3 SO4 C . -10.60 -0.23 -14.55
O4 SO4 C . -9.94 0.53 -16.72
S SO4 D . -13.33 -0.71 -36.30
O1 SO4 D . -12.36 0.35 -35.96
O2 SO4 D . -13.07 -1.24 -37.63
O3 SO4 D . -14.67 -0.12 -36.25
O4 SO4 D . -13.24 -1.82 -35.35
S SO4 E . 6.05 -9.46 -13.05
O1 SO4 E . 5.40 -8.45 -13.89
O2 SO4 E . 6.99 -8.77 -12.16
O3 SO4 E . 5.09 -10.19 -12.23
O4 SO4 E . 6.77 -10.44 -13.87
S SO4 F . -11.75 20.25 -0.74
O1 SO4 F . -12.15 21.53 -1.34
O2 SO4 F . -10.41 20.42 -0.18
O3 SO4 F . -12.69 19.93 0.34
O4 SO4 F . -11.80 19.18 -1.76
S SO4 G . -21.70 20.84 -8.22
O1 SO4 G . -20.84 20.82 -9.40
O2 SO4 G . -21.01 21.47 -7.08
O3 SO4 G . -22.93 21.60 -8.49
O4 SO4 G . -22.00 19.47 -7.85
S SO4 H . -3.46 -18.43 -14.58
O1 SO4 H . -3.31 -17.47 -15.70
O2 SO4 H . -2.36 -18.38 -13.60
O3 SO4 H . -4.77 -18.15 -13.95
O4 SO4 H . -3.49 -19.75 -15.25
S SO4 I . -13.49 -9.58 -2.26
O1 SO4 I . -12.94 -8.65 -3.25
O2 SO4 I . -13.13 -9.17 -0.91
O3 SO4 I . -14.95 -9.57 -2.40
O4 SO4 I . -12.96 -10.93 -2.51
S SO4 J . 10.03 -0.75 14.81
O1 SO4 J . 9.90 0.71 14.64
O2 SO4 J . 11.11 -1.01 15.73
O3 SO4 J . 8.79 -1.35 15.30
O4 SO4 J . 10.31 -1.31 13.49
S SO4 K . 16.33 -4.64 -2.30
O1 SO4 K . 17.51 -5.47 -2.53
O2 SO4 K . 16.69 -3.25 -2.53
O3 SO4 K . 15.95 -4.91 -0.94
O4 SO4 K . 15.25 -5.01 -3.21
S SO4 L . 25.70 -6.81 27.89
O1 SO4 L . 25.98 -5.76 26.90
O2 SO4 L . 26.96 -7.45 28.24
O3 SO4 L . 25.09 -6.21 29.06
O4 SO4 L . 24.77 -7.80 27.35
#